data_1SC5
#
_entry.id   1SC5
#
_cell.length_a   118.117
_cell.length_b   118.117
_cell.length_c   87.401
_cell.angle_alpha   90
_cell.angle_beta   90
_cell.angle_gamma   120
#
_symmetry.space_group_name_H-M   'P 32 2 1'
#
loop_
_entity.id
_entity.type
_entity.pdbx_description
1 polymer 'RNA polymerase sigma factor FliA'
2 polymer 'anti-sigma factor FlgM'
#
loop_
_entity_poly.entity_id
_entity_poly.type
_entity_poly.pdbx_seq_one_letter_code
_entity_poly.pdbx_strand_id
1 'polypeptide(L)'
;GSHMKNPYSNQIEREELILKYLPLVKAIATNIKKHLPEDVDIRDLISYGVIGLIKAVDNLSTENPKRAEAYIKLRIKGAI
YDYLRSLDFGSRQVREKERRIKEVVEKLKEKLGREPTDEEVAKELGISTEELFKTLDKINFSYILSLEEVFRDFARDYSE
LIPSSTNVEEEVIKRELTEKVKEAVSKLPEREKLVIQLIFYEELPAKEVAKILETSVSRVSQLKAKALERLREMLSNPL
;
A
2 'polypeptide(L)'
;MVNRIELSRLIGLLLETEKRKNTEQKESGTNKIEDKVTLSKIAQELSKNDVEEKDLEKKVKELKEKIEKGEYEVSDEKVV
KGLIEFFT
;
B
#
# COMPACT_ATOMS: atom_id res chain seq x y z
N LYS A 5 -14.40 -35.49 11.22
CA LYS A 5 -14.79 -34.52 10.17
C LYS A 5 -14.81 -35.17 8.78
N ASN A 6 -15.98 -35.17 8.15
CA ASN A 6 -16.16 -35.76 6.82
C ASN A 6 -15.37 -34.92 5.84
N PRO A 7 -14.59 -35.55 4.97
CA PRO A 7 -13.83 -34.75 4.01
C PRO A 7 -14.63 -33.60 3.38
N TYR A 8 -15.91 -33.81 3.11
CA TYR A 8 -16.75 -32.75 2.54
C TYR A 8 -16.95 -31.62 3.52
N SER A 9 -17.10 -31.98 4.79
CA SER A 9 -17.29 -30.96 5.82
C SER A 9 -16.02 -30.11 5.93
N ASN A 10 -14.85 -30.74 5.82
CA ASN A 10 -13.60 -30.01 5.89
C ASN A 10 -13.56 -29.10 4.67
N GLN A 11 -13.65 -29.73 3.52
CA GLN A 11 -13.66 -29.07 2.21
C GLN A 11 -14.51 -27.79 2.20
N ILE A 12 -15.60 -27.82 2.97
CA ILE A 12 -16.48 -26.66 3.06
C ILE A 12 -15.99 -25.65 4.11
N GLU A 13 -15.53 -26.12 5.27
CA GLU A 13 -15.04 -25.19 6.28
C GLU A 13 -14.03 -24.28 5.59
N ARG A 14 -13.11 -24.91 4.86
CA ARG A 14 -12.06 -24.22 4.11
C ARG A 14 -12.70 -23.20 3.18
N GLU A 15 -13.44 -23.71 2.20
CA GLU A 15 -14.12 -22.84 1.26
C GLU A 15 -14.73 -21.61 1.91
N GLU A 16 -15.70 -21.84 2.80
CA GLU A 16 -16.37 -20.74 3.48
C GLU A 16 -15.42 -19.75 4.16
N LEU A 17 -14.19 -20.18 4.43
CA LEU A 17 -13.19 -19.32 5.05
C LEU A 17 -12.57 -18.44 3.98
N ILE A 18 -11.85 -19.09 3.06
CA ILE A 18 -11.21 -18.43 1.93
C ILE A 18 -12.19 -17.43 1.36
N LEU A 19 -13.45 -17.80 1.43
CA LEU A 19 -14.53 -16.98 0.95
C LEU A 19 -14.86 -15.80 1.88
N LYS A 20 -14.77 -16.02 3.19
CA LYS A 20 -15.07 -14.96 4.15
C LYS A 20 -14.01 -13.88 4.16
N TYR A 21 -12.79 -14.23 3.75
CA TYR A 21 -11.70 -13.28 3.74
C TYR A 21 -11.35 -12.73 2.37
N LEU A 22 -12.14 -13.12 1.38
CA LEU A 22 -11.89 -12.63 0.05
C LEU A 22 -11.83 -11.10 0.11
N PRO A 23 -12.84 -10.46 0.72
CA PRO A 23 -12.91 -9.01 0.85
C PRO A 23 -11.65 -8.43 1.45
N LEU A 24 -11.02 -9.16 2.35
CA LEU A 24 -9.79 -8.64 2.94
C LEU A 24 -8.74 -8.53 1.83
N VAL A 25 -8.61 -9.57 1.02
CA VAL A 25 -7.66 -9.51 -0.08
C VAL A 25 -8.00 -8.22 -0.81
N LYS A 26 -9.25 -8.11 -1.23
CA LYS A 26 -9.76 -6.94 -1.94
C LYS A 26 -9.14 -5.65 -1.43
N ALA A 27 -9.68 -5.15 -0.33
CA ALA A 27 -9.21 -3.91 0.27
C ALA A 27 -7.69 -3.79 0.31
N ILE A 28 -7.00 -4.82 0.80
CA ILE A 28 -5.55 -4.78 0.85
C ILE A 28 -5.00 -4.38 -0.50
N ALA A 29 -5.42 -5.09 -1.53
CA ALA A 29 -4.98 -4.80 -2.88
C ALA A 29 -5.42 -3.37 -3.27
N THR A 30 -6.72 -3.12 -3.17
CA THR A 30 -7.27 -1.82 -3.52
C THR A 30 -6.48 -0.72 -2.83
N ASN A 31 -5.95 -1.02 -1.65
CA ASN A 31 -5.19 -0.03 -0.93
C ASN A 31 -3.76 -0.01 -1.40
N ILE A 32 -3.10 -1.15 -1.44
CA ILE A 32 -1.73 -1.16 -1.88
C ILE A 32 -1.65 -0.53 -3.27
N LYS A 33 -2.79 -0.40 -3.94
CA LYS A 33 -2.75 0.18 -5.27
C LYS A 33 -2.58 1.69 -5.24
N LYS A 34 -3.05 2.32 -4.18
CA LYS A 34 -2.94 3.76 -4.03
C LYS A 34 -1.50 4.20 -3.94
N HIS A 35 -0.56 3.30 -4.17
CA HIS A 35 0.85 3.65 -4.09
C HIS A 35 1.57 3.09 -5.29
N LEU A 36 0.79 2.79 -6.32
CA LEU A 36 1.36 2.20 -7.52
C LEU A 36 0.92 2.87 -8.80
N PRO A 37 1.78 2.76 -9.82
CA PRO A 37 1.59 3.30 -11.17
C PRO A 37 0.20 2.89 -11.57
N GLU A 38 -0.55 3.80 -12.17
CA GLU A 38 -1.90 3.45 -12.56
C GLU A 38 -1.92 2.22 -13.46
N ASP A 39 -0.82 1.97 -14.17
CA ASP A 39 -0.79 0.83 -15.07
C ASP A 39 -0.77 -0.55 -14.41
N VAL A 40 -0.57 -0.62 -13.09
CA VAL A 40 -0.58 -1.93 -12.42
C VAL A 40 -2.02 -2.45 -12.32
N ASP A 41 -2.30 -3.62 -12.88
CA ASP A 41 -3.67 -4.12 -12.83
C ASP A 41 -4.05 -4.57 -11.44
N ILE A 42 -5.12 -4.01 -10.90
CA ILE A 42 -5.47 -4.42 -9.56
C ILE A 42 -5.80 -5.89 -9.56
N ARG A 43 -6.45 -6.32 -10.64
CA ARG A 43 -6.84 -7.72 -10.76
C ARG A 43 -5.62 -8.55 -10.43
N ASP A 44 -4.50 -8.26 -11.10
CA ASP A 44 -3.27 -9.00 -10.83
C ASP A 44 -2.96 -9.02 -9.34
N LEU A 45 -3.11 -7.88 -8.70
CA LEU A 45 -2.85 -7.85 -7.27
C LEU A 45 -3.78 -8.83 -6.57
N ILE A 46 -5.08 -8.59 -6.67
CA ILE A 46 -6.06 -9.46 -6.06
C ILE A 46 -5.77 -10.94 -6.32
N SER A 47 -5.28 -11.25 -7.51
CA SER A 47 -4.96 -12.64 -7.84
C SER A 47 -3.98 -13.16 -6.83
N TYR A 48 -2.77 -12.62 -6.91
CA TYR A 48 -1.72 -13.02 -5.99
C TYR A 48 -2.25 -12.89 -4.59
N GLY A 49 -3.13 -11.92 -4.38
CA GLY A 49 -3.69 -11.73 -3.06
C GLY A 49 -4.34 -13.02 -2.57
N VAL A 50 -5.28 -13.50 -3.38
CA VAL A 50 -6.00 -14.73 -3.09
C VAL A 50 -5.01 -15.82 -2.75
N ILE A 51 -4.14 -16.16 -3.70
CA ILE A 51 -3.11 -17.17 -3.48
C ILE A 51 -2.73 -17.21 -2.02
N GLY A 52 -2.17 -16.11 -1.52
CA GLY A 52 -1.76 -16.02 -0.14
C GLY A 52 -2.87 -16.28 0.85
N LEU A 53 -4.06 -15.71 0.64
CA LEU A 53 -5.18 -15.92 1.56
C LEU A 53 -5.40 -17.41 1.73
N ILE A 54 -5.33 -18.14 0.62
CA ILE A 54 -5.49 -19.59 0.64
C ILE A 54 -4.29 -20.17 1.42
N LYS A 55 -3.10 -20.07 0.83
CA LYS A 55 -1.89 -20.55 1.48
C LYS A 55 -1.96 -20.32 2.98
N ALA A 56 -2.57 -19.21 3.37
CA ALA A 56 -2.74 -18.84 4.76
C ALA A 56 -3.77 -19.74 5.41
N VAL A 57 -5.00 -19.71 4.91
CA VAL A 57 -6.06 -20.54 5.47
C VAL A 57 -5.51 -21.95 5.56
N ASP A 58 -4.91 -22.40 4.48
CA ASP A 58 -4.34 -23.73 4.44
C ASP A 58 -3.37 -23.98 5.58
N ASN A 59 -2.14 -23.48 5.46
CA ASN A 59 -1.13 -23.67 6.50
C ASN A 59 -1.54 -22.98 7.80
N LEU A 60 -2.84 -22.90 8.06
CA LEU A 60 -3.37 -22.27 9.26
C LEU A 60 -3.77 -23.27 10.33
N SER A 61 -3.43 -22.95 11.57
CA SER A 61 -3.75 -23.77 12.74
C SER A 61 -4.77 -22.93 13.53
N THR A 62 -5.79 -23.57 14.11
CA THR A 62 -6.80 -22.81 14.83
C THR A 62 -6.19 -21.79 15.78
N GLU A 63 -6.83 -20.64 15.82
CA GLU A 63 -6.44 -19.52 16.66
C GLU A 63 -7.71 -18.70 16.82
N ASN A 64 -7.61 -17.58 17.51
CA ASN A 64 -8.77 -16.72 17.71
C ASN A 64 -9.05 -15.88 16.46
N PRO A 65 -10.33 -15.65 16.15
CA PRO A 65 -10.71 -14.86 14.97
C PRO A 65 -9.87 -13.59 14.83
N LYS A 66 -9.36 -13.10 15.96
CA LYS A 66 -8.53 -11.92 15.96
C LYS A 66 -7.12 -12.32 15.55
N ARG A 67 -6.58 -13.35 16.20
CA ARG A 67 -5.24 -13.83 15.91
C ARG A 67 -5.12 -14.44 14.53
N ALA A 68 -6.13 -15.20 14.12
CA ALA A 68 -6.14 -15.84 12.80
C ALA A 68 -6.08 -14.77 11.71
N GLU A 69 -7.05 -13.86 11.77
CA GLU A 69 -7.20 -12.76 10.85
C GLU A 69 -5.89 -11.99 10.64
N ALA A 70 -5.14 -11.81 11.73
CA ALA A 70 -3.86 -11.10 11.68
C ALA A 70 -2.89 -11.87 10.82
N TYR A 71 -2.96 -13.19 10.91
CA TYR A 71 -2.08 -14.02 10.13
C TYR A 71 -2.46 -13.91 8.64
N ILE A 72 -3.77 -13.93 8.37
CA ILE A 72 -4.30 -13.82 7.00
C ILE A 72 -3.70 -12.58 6.31
N LYS A 73 -3.96 -11.41 6.88
CA LYS A 73 -3.45 -10.18 6.33
C LYS A 73 -1.96 -10.32 6.07
N LEU A 74 -1.20 -10.63 7.11
CA LEU A 74 0.24 -10.79 6.99
C LEU A 74 0.68 -11.78 5.90
N ARG A 75 -0.28 -12.50 5.32
CA ARG A 75 0.04 -13.46 4.26
C ARG A 75 -0.42 -12.93 2.91
N ILE A 76 -1.56 -12.25 2.94
CA ILE A 76 -2.11 -11.64 1.74
C ILE A 76 -1.09 -10.62 1.28
N LYS A 77 -0.80 -9.66 2.17
CA LYS A 77 0.16 -8.62 1.91
C LYS A 77 1.46 -9.25 1.43
N GLY A 78 1.95 -10.22 2.18
CA GLY A 78 3.17 -10.90 1.81
C GLY A 78 3.08 -11.34 0.36
N ALA A 79 2.07 -12.13 0.05
CA ALA A 79 1.87 -12.62 -1.30
C ALA A 79 2.09 -11.47 -2.29
N ILE A 80 1.26 -10.45 -2.14
CA ILE A 80 1.29 -9.26 -3.00
C ILE A 80 2.67 -8.62 -3.17
N TYR A 81 3.25 -8.14 -2.07
CA TYR A 81 4.56 -7.50 -2.13
C TYR A 81 5.54 -8.36 -2.88
N ASP A 82 5.59 -9.64 -2.52
CA ASP A 82 6.50 -10.54 -3.18
C ASP A 82 6.35 -10.40 -4.69
N TYR A 83 5.10 -10.34 -5.15
CA TYR A 83 4.86 -10.18 -6.57
C TYR A 83 5.48 -8.87 -7.03
N LEU A 84 5.01 -7.76 -6.45
CA LEU A 84 5.50 -6.45 -6.80
C LEU A 84 7.02 -6.40 -6.78
N ARG A 85 7.63 -6.96 -5.74
CA ARG A 85 9.08 -7.00 -5.62
C ARG A 85 9.70 -7.58 -6.87
N SER A 86 8.96 -8.43 -7.57
CA SER A 86 9.49 -9.06 -8.77
C SER A 86 9.63 -8.11 -9.93
N LEU A 87 9.03 -6.94 -9.82
CA LEU A 87 9.11 -6.01 -10.92
C LEU A 87 10.32 -5.09 -10.83
N ASP A 88 10.49 -4.29 -11.88
CA ASP A 88 11.62 -3.36 -11.98
C ASP A 88 11.52 -2.11 -11.11
N PHE A 89 10.97 -2.24 -9.92
CA PHE A 89 10.84 -1.06 -9.07
C PHE A 89 12.16 -0.56 -8.51
N GLY A 90 13.07 -1.48 -8.19
CA GLY A 90 14.35 -1.09 -7.66
C GLY A 90 15.36 -0.66 -8.71
N SER A 91 15.04 -0.94 -9.97
CA SER A 91 15.93 -0.61 -11.08
C SER A 91 16.70 0.68 -10.89
N ARG A 92 17.91 0.72 -11.43
CA ARG A 92 18.74 1.90 -11.34
C ARG A 92 18.11 2.94 -12.24
N GLN A 93 17.54 2.48 -13.35
CA GLN A 93 16.89 3.38 -14.28
C GLN A 93 15.85 4.24 -13.55
N VAL A 94 15.31 3.73 -12.46
CA VAL A 94 14.33 4.45 -11.67
C VAL A 94 15.01 5.38 -10.67
N ARG A 95 16.07 4.89 -10.04
CA ARG A 95 16.79 5.71 -9.07
C ARG A 95 17.33 6.96 -9.78
N GLU A 96 17.54 6.85 -11.10
CA GLU A 96 18.04 7.96 -11.90
C GLU A 96 16.89 8.94 -12.16
N LYS A 97 15.79 8.41 -12.70
CA LYS A 97 14.62 9.23 -12.99
C LYS A 97 14.31 10.11 -11.78
N GLU A 98 14.60 9.56 -10.60
CA GLU A 98 14.42 10.28 -9.35
C GLU A 98 15.25 11.55 -9.45
N ARG A 99 16.57 11.39 -9.34
CA ARG A 99 17.52 12.49 -9.41
C ARG A 99 17.16 13.51 -10.48
N ARG A 100 16.91 13.02 -11.69
CA ARG A 100 16.58 13.91 -12.79
C ARG A 100 15.35 14.77 -12.49
N ILE A 101 14.27 14.14 -12.04
CA ILE A 101 13.09 14.94 -11.73
C ILE A 101 13.40 15.92 -10.60
N LYS A 102 14.31 15.55 -9.70
CA LYS A 102 14.67 16.46 -8.63
C LYS A 102 15.18 17.70 -9.33
N GLU A 103 16.23 17.55 -10.13
CA GLU A 103 16.80 18.66 -10.87
C GLU A 103 15.66 19.46 -11.48
N VAL A 104 15.08 18.94 -12.55
CA VAL A 104 13.98 19.61 -13.23
C VAL A 104 13.07 20.45 -12.33
N VAL A 105 12.57 19.88 -11.23
CA VAL A 105 11.69 20.64 -10.35
C VAL A 105 12.46 21.78 -9.72
N GLU A 106 13.69 21.53 -9.26
CA GLU A 106 14.48 22.60 -8.67
C GLU A 106 14.80 23.65 -9.73
N LYS A 107 15.27 23.18 -10.88
CA LYS A 107 15.62 24.09 -11.97
C LYS A 107 14.47 25.02 -12.32
N LEU A 108 13.23 24.57 -12.14
CA LEU A 108 12.07 25.42 -12.47
C LEU A 108 11.57 26.24 -11.28
N LYS A 109 11.83 25.76 -10.06
CA LYS A 109 11.41 26.50 -8.89
C LYS A 109 12.19 27.80 -8.98
N GLU A 110 13.45 27.71 -9.40
CA GLU A 110 14.28 28.90 -9.52
C GLU A 110 13.80 29.69 -10.75
N LYS A 111 13.90 29.07 -11.91
CA LYS A 111 13.49 29.69 -13.17
C LYS A 111 12.12 30.41 -13.14
N LEU A 112 11.19 29.93 -12.33
CA LEU A 112 9.86 30.52 -12.30
C LEU A 112 9.53 31.22 -10.99
N GLY A 113 10.30 30.92 -9.95
CA GLY A 113 10.03 31.52 -8.66
C GLY A 113 8.73 31.00 -8.06
N ARG A 114 8.50 29.70 -8.23
CA ARG A 114 7.29 29.05 -7.70
C ARG A 114 7.35 27.53 -7.92
N GLU A 115 6.33 26.82 -7.43
CA GLU A 115 6.29 25.36 -7.58
C GLU A 115 5.72 25.00 -8.93
N PRO A 116 6.55 24.44 -9.80
CA PRO A 116 6.17 24.03 -11.15
C PRO A 116 4.93 23.17 -11.19
N THR A 117 3.94 23.59 -11.97
CA THR A 117 2.77 22.75 -12.08
C THR A 117 3.33 21.46 -12.66
N ASP A 118 2.65 20.35 -12.36
CA ASP A 118 3.11 19.06 -12.84
C ASP A 118 3.50 19.18 -14.30
N GLU A 119 2.58 19.66 -15.13
CA GLU A 119 2.85 19.77 -16.56
C GLU A 119 4.09 20.57 -16.92
N GLU A 120 4.46 21.53 -16.09
CA GLU A 120 5.66 22.29 -16.40
C GLU A 120 6.82 21.32 -16.31
N VAL A 121 6.74 20.45 -15.31
CA VAL A 121 7.75 19.44 -15.06
C VAL A 121 7.66 18.40 -16.12
N ALA A 122 6.44 18.17 -16.56
CA ALA A 122 6.20 17.20 -17.61
C ALA A 122 6.95 17.70 -18.83
N LYS A 123 6.52 18.84 -19.34
CA LYS A 123 7.12 19.45 -20.51
C LYS A 123 8.62 19.60 -20.40
N GLU A 124 9.10 20.09 -19.26
CA GLU A 124 10.54 20.28 -19.08
C GLU A 124 11.30 18.97 -19.13
N LEU A 125 10.62 17.86 -18.82
CA LEU A 125 11.25 16.55 -18.86
C LEU A 125 11.01 15.92 -20.23
N GLY A 126 10.11 16.53 -21.00
CA GLY A 126 9.80 16.03 -22.32
C GLY A 126 9.07 14.71 -22.21
N ILE A 127 7.95 14.72 -21.49
CA ILE A 127 7.14 13.53 -21.27
C ILE A 127 5.70 13.93 -20.96
N SER A 128 4.82 12.95 -20.81
CA SER A 128 3.42 13.20 -20.50
C SER A 128 3.26 13.45 -19.01
N THR A 129 2.14 14.05 -18.60
CA THR A 129 1.92 14.27 -17.17
C THR A 129 1.65 12.87 -16.65
N GLU A 130 0.95 12.11 -17.50
CA GLU A 130 0.60 10.73 -17.21
C GLU A 130 1.91 10.03 -16.92
N GLU A 131 2.84 10.11 -17.87
CA GLU A 131 4.16 9.49 -17.71
C GLU A 131 4.87 9.95 -16.43
N LEU A 132 4.93 11.27 -16.23
CA LEU A 132 5.57 11.83 -15.06
C LEU A 132 5.06 11.10 -13.85
N PHE A 133 3.73 11.08 -13.72
CA PHE A 133 3.07 10.44 -12.61
C PHE A 133 3.41 8.98 -12.36
N LYS A 134 3.25 8.14 -13.38
CA LYS A 134 3.59 6.74 -13.24
C LYS A 134 5.02 6.67 -12.70
N THR A 135 5.92 7.46 -13.28
CA THR A 135 7.31 7.43 -12.82
C THR A 135 7.49 7.85 -11.36
N LEU A 136 6.70 8.79 -10.89
CA LEU A 136 6.85 9.22 -9.50
C LEU A 136 6.42 8.08 -8.61
N ASP A 137 5.27 7.50 -8.95
CA ASP A 137 4.73 6.38 -8.19
C ASP A 137 5.72 5.23 -8.19
N LYS A 138 6.36 4.94 -9.32
CA LYS A 138 7.34 3.88 -9.28
C LYS A 138 8.39 4.26 -8.24
N ILE A 139 9.04 5.41 -8.41
CA ILE A 139 10.06 5.85 -7.46
C ILE A 139 9.61 5.65 -6.01
N ASN A 140 8.45 6.23 -5.70
CA ASN A 140 7.89 6.12 -4.38
C ASN A 140 7.78 4.70 -3.91
N PHE A 141 7.11 3.87 -4.70
CA PHE A 141 6.94 2.48 -4.31
C PHE A 141 8.27 1.80 -4.00
N SER A 142 9.32 2.21 -4.70
CA SER A 142 10.64 1.65 -4.47
C SER A 142 10.97 1.83 -3.02
N TYR A 143 10.66 3.01 -2.50
CA TYR A 143 10.93 3.29 -1.11
C TYR A 143 9.93 2.54 -0.25
N ILE A 144 8.67 2.51 -0.69
CA ILE A 144 7.64 1.80 0.06
C ILE A 144 8.10 0.39 0.32
N LEU A 145 8.70 -0.24 -0.70
CA LEU A 145 9.23 -1.60 -0.60
C LEU A 145 10.50 -1.63 0.22
N SER A 146 11.43 -0.74 -0.12
CA SER A 146 12.67 -0.65 0.62
C SER A 146 12.24 -0.62 2.09
N LEU A 147 11.28 0.24 2.39
CA LEU A 147 10.76 0.39 3.73
C LEU A 147 10.05 -0.86 4.24
N GLU A 148 9.52 -1.68 3.34
CA GLU A 148 8.84 -2.91 3.75
C GLU A 148 9.88 -3.76 4.47
N GLU A 149 10.93 -4.10 3.73
CA GLU A 149 12.00 -4.91 4.25
C GLU A 149 12.42 -4.49 5.66
N VAL A 150 12.18 -3.23 6.01
CA VAL A 150 12.55 -2.76 7.36
C VAL A 150 11.73 -3.50 8.38
N PHE A 151 10.42 -3.59 8.17
CA PHE A 151 9.56 -4.29 9.10
C PHE A 151 9.75 -5.81 9.01
N ARG A 152 10.34 -6.27 7.89
CA ARG A 152 10.62 -7.70 7.70
C ARG A 152 11.86 -8.08 8.49
N ASP A 153 12.69 -7.09 8.80
CA ASP A 153 13.90 -7.34 9.57
C ASP A 153 13.60 -7.18 11.05
N PHE A 154 12.70 -6.25 11.38
CA PHE A 154 12.31 -6.01 12.76
C PHE A 154 11.48 -7.19 13.22
N ALA A 155 11.44 -8.23 12.39
CA ALA A 155 10.68 -9.43 12.70
C ALA A 155 11.55 -10.66 12.42
N ARG A 156 11.73 -11.00 11.15
CA ARG A 156 12.53 -12.18 10.78
C ARG A 156 13.84 -12.21 11.54
N ASP A 157 14.26 -11.07 12.08
CA ASP A 157 15.49 -10.99 12.84
C ASP A 157 15.20 -11.32 14.30
N TYR A 158 14.13 -10.74 14.84
CA TYR A 158 13.75 -11.01 16.23
C TYR A 158 12.83 -12.21 16.30
N SER A 159 11.98 -12.38 15.30
CA SER A 159 11.02 -13.47 15.30
C SER A 159 11.61 -14.82 15.69
N GLU A 160 12.92 -14.98 15.58
CA GLU A 160 13.50 -16.25 15.96
C GLU A 160 13.11 -16.51 17.43
N LEU A 161 12.90 -15.41 18.16
CA LEU A 161 12.47 -15.44 19.56
C LEU A 161 10.99 -15.00 19.51
N ILE A 162 10.31 -15.42 18.45
CA ILE A 162 8.88 -15.15 18.22
C ILE A 162 8.10 -16.45 18.43
N PRO A 163 8.74 -17.60 18.20
CA PRO A 163 8.03 -18.85 18.43
C PRO A 163 8.63 -19.35 19.75
N SER A 164 9.94 -19.15 19.91
CA SER A 164 10.60 -19.54 21.14
C SER A 164 9.97 -18.68 22.25
N SER A 165 9.30 -17.62 21.81
CA SER A 165 8.64 -16.62 22.65
C SER A 165 7.33 -16.27 21.99
N THR A 166 6.57 -17.29 21.62
CA THR A 166 5.31 -17.07 20.92
C THR A 166 4.24 -16.44 21.78
N GLU A 171 2.85 -10.47 19.77
CA GLU A 171 1.84 -9.57 19.24
C GLU A 171 1.78 -8.28 20.03
N VAL A 172 1.85 -8.34 21.34
CA VAL A 172 1.84 -7.10 22.08
C VAL A 172 3.29 -6.64 22.16
N ILE A 173 4.20 -7.50 21.73
CA ILE A 173 5.61 -7.14 21.76
C ILE A 173 5.91 -6.23 20.58
N LYS A 174 5.25 -6.49 19.45
CA LYS A 174 5.42 -5.69 18.24
C LYS A 174 5.20 -4.22 18.52
N ARG A 175 4.47 -3.93 19.59
CA ARG A 175 4.21 -2.54 19.96
C ARG A 175 5.54 -1.86 20.30
N GLU A 176 6.63 -2.55 20.03
CA GLU A 176 7.98 -2.04 20.25
C GLU A 176 8.18 -1.22 19.00
N LEU A 177 7.99 -1.88 17.86
CA LEU A 177 8.11 -1.21 16.59
C LEU A 177 7.05 -0.13 16.56
N THR A 178 5.87 -0.44 17.08
CA THR A 178 4.78 0.52 17.15
C THR A 178 5.32 1.81 17.76
N GLU A 179 6.24 1.69 18.72
CA GLU A 179 6.83 2.87 19.36
C GLU A 179 8.12 3.26 18.65
N LYS A 180 8.80 2.25 18.09
CA LYS A 180 10.05 2.47 17.38
C LYS A 180 9.83 3.43 16.20
N VAL A 181 8.58 3.62 15.83
CA VAL A 181 8.24 4.53 14.72
C VAL A 181 7.98 5.92 15.27
N LYS A 182 7.26 6.01 16.38
CA LYS A 182 6.96 7.29 16.99
C LYS A 182 8.28 8.02 17.24
N GLU A 183 9.38 7.32 16.99
CA GLU A 183 10.73 7.88 17.16
C GLU A 183 11.04 8.79 15.98
N ALA A 184 11.39 8.16 14.86
CA ALA A 184 11.74 8.90 13.65
C ALA A 184 10.56 9.73 13.13
N VAL A 185 9.34 9.41 13.59
CA VAL A 185 8.17 10.17 13.18
C VAL A 185 8.18 11.52 13.90
N SER A 186 8.95 11.59 14.99
CA SER A 186 9.08 12.82 15.75
C SER A 186 10.13 13.62 15.03
N LYS A 187 11.00 12.92 14.31
CA LYS A 187 12.07 13.52 13.54
C LYS A 187 11.61 13.85 12.11
N LEU A 188 10.31 13.75 11.86
CA LEU A 188 9.76 14.04 10.53
C LEU A 188 9.32 15.50 10.41
N PRO A 189 10.00 16.27 9.54
CA PRO A 189 9.73 17.69 9.29
C PRO A 189 8.25 18.02 9.20
N GLU A 190 7.83 19.09 9.89
CA GLU A 190 6.44 19.52 9.91
C GLU A 190 5.70 19.36 8.57
N ARG A 191 6.44 19.49 7.46
CA ARG A 191 5.83 19.35 6.13
C ARG A 191 5.69 17.87 5.78
N GLU A 192 6.82 17.16 5.79
CA GLU A 192 6.83 15.73 5.49
C GLU A 192 5.81 14.93 6.30
N LYS A 193 5.68 15.22 7.58
CA LYS A 193 4.72 14.51 8.41
C LYS A 193 3.29 14.81 7.94
N LEU A 194 3.04 16.07 7.59
CA LEU A 194 1.71 16.46 7.12
C LEU A 194 1.28 15.67 5.87
N VAL A 195 2.23 15.34 4.99
CA VAL A 195 1.94 14.59 3.75
C VAL A 195 1.68 13.13 4.10
N ILE A 196 2.63 12.54 4.82
CA ILE A 196 2.53 11.15 5.24
C ILE A 196 1.17 10.94 5.86
N GLN A 197 0.91 11.63 6.96
CA GLN A 197 -0.37 11.48 7.59
C GLN A 197 -1.53 11.56 6.60
N LEU A 198 -1.42 12.45 5.61
CA LEU A 198 -2.49 12.57 4.64
C LEU A 198 -2.54 11.39 3.67
N ILE A 199 -1.37 10.79 3.43
CA ILE A 199 -1.28 9.65 2.54
C ILE A 199 -1.63 8.35 3.24
N PHE A 200 -0.89 8.04 4.30
CA PHE A 200 -1.12 6.80 5.04
C PHE A 200 -2.25 6.86 6.04
N TYR A 201 -2.02 7.48 7.19
CA TYR A 201 -3.07 7.57 8.19
C TYR A 201 -4.39 8.01 7.56
N GLU A 202 -4.33 8.79 6.49
CA GLU A 202 -5.55 9.28 5.85
C GLU A 202 -6.09 8.40 4.73
N GLU A 203 -5.29 7.42 4.30
CA GLU A 203 -5.69 6.51 3.22
C GLU A 203 -5.84 7.31 1.94
N LEU A 204 -4.79 8.05 1.60
CA LEU A 204 -4.86 8.88 0.42
C LEU A 204 -3.71 8.88 -0.55
N PRO A 205 -4.06 8.90 -1.84
CA PRO A 205 -3.23 8.91 -3.04
C PRO A 205 -2.54 10.25 -3.19
N ALA A 206 -1.38 10.26 -3.82
CA ALA A 206 -0.67 11.51 -4.00
C ALA A 206 -1.55 12.51 -4.73
N LYS A 207 -2.21 12.08 -5.81
CA LYS A 207 -3.05 12.97 -6.58
C LYS A 207 -4.07 13.68 -5.70
N GLU A 208 -4.70 12.93 -4.82
CA GLU A 208 -5.69 13.54 -3.96
C GLU A 208 -5.00 14.44 -2.94
N VAL A 209 -3.86 14.02 -2.42
CA VAL A 209 -3.16 14.85 -1.44
C VAL A 209 -2.88 16.25 -2.01
N ALA A 210 -2.36 16.30 -3.24
CA ALA A 210 -2.04 17.58 -3.86
C ALA A 210 -3.28 18.46 -4.01
N LYS A 211 -4.46 17.85 -3.94
CA LYS A 211 -5.70 18.60 -4.05
C LYS A 211 -6.05 19.18 -2.69
N ILE A 212 -5.80 18.40 -1.64
CA ILE A 212 -6.08 18.83 -0.28
C ILE A 212 -5.06 19.87 0.15
N LEU A 213 -4.07 20.12 -0.69
CA LEU A 213 -3.03 21.10 -0.38
C LEU A 213 -2.86 22.09 -1.52
N GLU A 214 -3.79 22.06 -2.47
CA GLU A 214 -3.74 22.95 -3.60
C GLU A 214 -2.29 23.11 -4.07
N THR A 215 -1.59 21.98 -4.23
CA THR A 215 -0.20 22.01 -4.72
C THR A 215 -0.09 21.11 -5.94
N SER A 216 1.12 20.66 -6.26
CA SER A 216 1.29 19.80 -7.41
C SER A 216 1.36 18.36 -6.96
N VAL A 217 1.17 17.45 -7.90
CA VAL A 217 1.27 16.05 -7.57
C VAL A 217 2.76 15.81 -7.41
N SER A 218 3.55 16.34 -8.34
CA SER A 218 4.98 16.18 -8.30
C SER A 218 5.49 16.73 -6.99
N ARG A 219 4.83 17.75 -6.44
CA ARG A 219 5.23 18.35 -5.17
C ARG A 219 5.02 17.35 -4.01
N VAL A 220 3.77 16.92 -3.82
CA VAL A 220 3.40 15.96 -2.78
C VAL A 220 4.22 14.69 -2.99
N SER A 221 4.19 14.23 -4.23
CA SER A 221 4.91 13.04 -4.64
C SER A 221 6.37 13.07 -4.20
N GLN A 222 7.06 14.21 -4.40
CA GLN A 222 8.44 14.34 -4.00
C GLN A 222 8.59 14.35 -2.48
N LEU A 223 7.58 14.89 -1.80
CA LEU A 223 7.59 14.95 -0.35
C LEU A 223 7.51 13.55 0.24
N LYS A 224 6.50 12.80 -0.16
CA LYS A 224 6.32 11.42 0.30
C LYS A 224 7.65 10.70 0.12
N ALA A 225 8.10 10.60 -1.13
CA ALA A 225 9.37 9.96 -1.45
C ALA A 225 10.51 10.46 -0.57
N LYS A 226 10.47 11.74 -0.20
CA LYS A 226 11.51 12.28 0.66
C LYS A 226 11.35 11.64 2.03
N ALA A 227 10.14 11.77 2.57
CA ALA A 227 9.78 11.23 3.87
C ALA A 227 10.21 9.79 4.07
N LEU A 228 9.64 8.91 3.27
CA LEU A 228 9.96 7.49 3.34
C LEU A 228 11.47 7.30 3.45
N GLU A 229 12.21 7.91 2.51
CA GLU A 229 13.66 7.81 2.51
C GLU A 229 14.19 8.09 3.91
N ARG A 230 13.65 9.10 4.56
CA ARG A 230 14.08 9.42 5.92
C ARG A 230 13.75 8.22 6.80
N LEU A 231 12.45 8.05 7.06
CA LEU A 231 11.96 6.95 7.88
C LEU A 231 12.72 5.67 7.62
N ARG A 232 12.97 5.37 6.36
CA ARG A 232 13.72 4.16 6.03
C ARG A 232 15.08 4.23 6.71
N GLU A 233 15.80 5.32 6.46
CA GLU A 233 17.13 5.53 7.01
C GLU A 233 17.19 5.51 8.54
N MET A 234 16.24 6.18 9.18
CA MET A 234 16.21 6.22 10.64
C MET A 234 15.84 4.85 11.22
N LEU A 235 14.66 4.33 10.85
CA LEU A 235 14.21 3.03 11.33
C LEU A 235 15.15 1.91 10.90
N SER A 236 16.21 2.28 10.19
CA SER A 236 17.19 1.30 9.72
C SER A 236 18.53 1.56 10.39
N ASN B 3 -23.14 -12.93 -6.32
CA ASN B 3 -21.80 -12.49 -5.83
C ASN B 3 -21.11 -13.67 -5.19
N ARG B 4 -21.60 -14.04 -4.00
CA ARG B 4 -21.06 -15.17 -3.26
C ARG B 4 -21.51 -16.37 -4.06
N ILE B 5 -22.70 -16.24 -4.62
CA ILE B 5 -23.28 -17.29 -5.44
C ILE B 5 -22.22 -17.76 -6.44
N GLU B 6 -21.66 -16.81 -7.18
CA GLU B 6 -20.63 -17.10 -8.18
C GLU B 6 -19.25 -17.27 -7.54
N LEU B 7 -18.90 -16.31 -6.68
CA LEU B 7 -17.62 -16.36 -6.02
C LEU B 7 -17.39 -17.71 -5.37
N SER B 8 -18.45 -18.25 -4.79
CA SER B 8 -18.38 -19.56 -4.17
C SER B 8 -17.97 -20.55 -5.26
N ARG B 9 -18.81 -20.62 -6.28
CA ARG B 9 -18.60 -21.51 -7.42
C ARG B 9 -17.14 -21.56 -7.82
N LEU B 10 -16.58 -20.38 -8.05
CA LEU B 10 -15.21 -20.25 -8.46
C LEU B 10 -14.20 -20.70 -7.42
N ILE B 11 -14.33 -20.18 -6.20
CA ILE B 11 -13.39 -20.55 -5.15
C ILE B 11 -13.30 -22.06 -5.11
N GLY B 12 -14.43 -22.71 -5.29
CA GLY B 12 -14.43 -24.15 -5.27
C GLY B 12 -13.75 -24.67 -6.52
N LEU B 13 -14.29 -24.24 -7.65
CA LEU B 13 -13.76 -24.62 -8.95
C LEU B 13 -12.24 -24.54 -8.92
N LEU B 14 -11.74 -23.52 -8.23
CA LEU B 14 -10.31 -23.29 -8.11
C LEU B 14 -9.63 -24.33 -7.25
N LEU B 15 -10.27 -24.68 -6.14
CA LEU B 15 -9.72 -25.64 -5.20
C LEU B 15 -9.81 -27.10 -5.61
N GLU B 16 -10.59 -27.41 -6.63
CA GLU B 16 -10.70 -28.80 -7.09
C GLU B 16 -9.36 -29.23 -7.72
N THR B 17 -8.52 -28.25 -8.01
CA THR B 17 -7.23 -28.50 -8.62
C THR B 17 -6.10 -27.79 -7.85
N LYS B 32 -0.24 -23.65 -12.91
CA LYS B 32 -1.66 -23.87 -13.14
C LYS B 32 -2.17 -22.98 -14.25
N ILE B 33 -2.61 -23.59 -15.36
CA ILE B 33 -3.12 -22.83 -16.49
C ILE B 33 -4.56 -22.43 -16.23
N GLU B 34 -5.46 -23.40 -16.30
CA GLU B 34 -6.89 -23.17 -16.08
C GLU B 34 -7.11 -22.52 -14.73
N ASP B 35 -6.34 -22.94 -13.74
CA ASP B 35 -6.47 -22.37 -12.42
C ASP B 35 -6.14 -20.88 -12.55
N LYS B 36 -4.98 -20.57 -13.13
CA LYS B 36 -4.55 -19.17 -13.31
C LYS B 36 -5.71 -18.39 -13.94
N VAL B 37 -6.49 -19.10 -14.74
CA VAL B 37 -7.66 -18.53 -15.37
C VAL B 37 -8.76 -18.44 -14.34
N THR B 38 -9.15 -19.58 -13.79
CA THR B 38 -10.18 -19.60 -12.77
C THR B 38 -9.85 -18.48 -11.77
N LEU B 39 -8.57 -18.39 -11.42
CA LEU B 39 -8.06 -17.39 -10.49
C LEU B 39 -8.28 -16.00 -11.09
N SER B 40 -7.83 -15.86 -12.33
CA SER B 40 -7.98 -14.62 -13.05
C SER B 40 -9.46 -14.20 -13.05
N LYS B 41 -10.36 -15.19 -13.01
CA LYS B 41 -11.80 -14.95 -13.00
C LYS B 41 -12.26 -14.49 -11.63
N ILE B 42 -11.63 -15.05 -10.61
CA ILE B 42 -11.99 -14.64 -9.28
C ILE B 42 -11.58 -13.17 -9.15
N ALA B 43 -10.33 -12.89 -9.51
CA ALA B 43 -9.80 -11.53 -9.43
C ALA B 43 -10.79 -10.56 -10.07
N GLN B 44 -11.22 -10.91 -11.29
CA GLN B 44 -12.16 -10.12 -12.06
C GLN B 44 -13.40 -9.82 -11.22
N GLU B 45 -13.92 -10.85 -10.58
CA GLU B 45 -15.11 -10.70 -9.78
C GLU B 45 -14.92 -9.81 -8.57
N LEU B 46 -13.73 -9.83 -7.98
CA LEU B 46 -13.49 -9.03 -6.79
C LEU B 46 -13.38 -7.54 -6.99
N SER B 47 -13.25 -7.08 -8.23
CA SER B 47 -13.16 -5.65 -8.44
C SER B 47 -14.49 -5.00 -8.82
N LYS B 48 -15.39 -5.76 -9.44
CA LYS B 48 -16.71 -5.27 -9.87
C LYS B 48 -17.32 -4.21 -8.96
N ASN B 49 -16.95 -4.23 -7.68
CA ASN B 49 -17.44 -3.27 -6.70
C ASN B 49 -16.53 -2.03 -6.72
N ASP B 50 -16.20 -1.56 -7.93
CA ASP B 50 -15.36 -0.39 -8.15
C ASP B 50 -16.06 0.82 -7.52
N VAL B 51 -17.35 0.68 -7.29
CA VAL B 51 -18.17 1.75 -6.72
C VAL B 51 -17.71 2.32 -5.39
N GLU B 52 -16.59 1.84 -4.86
CA GLU B 52 -16.10 2.36 -3.59
C GLU B 52 -16.06 3.89 -3.57
N GLU B 53 -16.03 4.51 -4.75
CA GLU B 53 -15.93 5.98 -4.92
C GLU B 53 -16.20 6.86 -3.69
N LYS B 54 -17.35 6.66 -3.03
CA LYS B 54 -17.76 7.41 -1.84
C LYS B 54 -16.93 8.63 -1.37
N ASP B 55 -17.63 9.71 -1.02
CA ASP B 55 -16.99 10.94 -0.55
C ASP B 55 -15.82 11.35 -1.44
N LEU B 56 -16.06 11.23 -2.73
CA LEU B 56 -15.13 11.59 -3.78
C LEU B 56 -14.87 13.08 -3.75
N GLU B 57 -14.28 13.56 -2.66
CA GLU B 57 -13.99 15.00 -2.49
C GLU B 57 -14.38 15.47 -1.10
N LYS B 58 -15.53 14.98 -0.66
CA LYS B 58 -16.08 15.31 0.62
C LYS B 58 -15.05 15.09 1.70
N LYS B 59 -14.45 13.91 1.67
CA LYS B 59 -13.43 13.54 2.65
C LYS B 59 -12.22 14.46 2.51
N VAL B 60 -12.00 14.93 1.28
CA VAL B 60 -10.88 15.80 1.00
C VAL B 60 -11.25 17.25 1.31
N LYS B 61 -12.34 17.75 0.70
CA LYS B 61 -12.79 19.12 0.89
C LYS B 61 -13.01 19.37 2.36
N GLU B 62 -13.36 18.31 3.07
CA GLU B 62 -13.59 18.40 4.51
C GLU B 62 -12.25 18.62 5.15
N LEU B 63 -11.28 17.78 4.78
CA LEU B 63 -9.92 17.85 5.30
C LEU B 63 -9.34 19.25 5.10
N LYS B 64 -9.43 19.77 3.87
CA LYS B 64 -8.91 21.10 3.58
C LYS B 64 -9.65 22.11 4.45
N GLU B 65 -10.96 21.92 4.55
CA GLU B 65 -11.80 22.79 5.36
C GLU B 65 -11.29 22.74 6.80
N LYS B 66 -10.55 21.67 7.11
CA LYS B 66 -9.99 21.46 8.44
C LYS B 66 -8.47 21.63 8.38
N ILE B 67 -7.95 21.93 7.20
CA ILE B 67 -6.52 22.11 7.03
C ILE B 67 -6.22 23.58 7.26
N GLU B 68 -6.85 24.44 6.46
CA GLU B 68 -6.67 25.88 6.61
C GLU B 68 -7.41 26.33 7.87
N LYS B 69 -8.57 25.75 8.12
CA LYS B 69 -9.36 26.09 9.30
C LYS B 69 -8.85 25.35 10.53
N GLY B 70 -7.53 25.31 10.68
CA GLY B 70 -6.88 24.65 11.81
C GLY B 70 -7.62 23.53 12.51
N GLU B 71 -8.27 22.67 11.73
CA GLU B 71 -9.03 21.55 12.30
C GLU B 71 -8.44 20.18 11.91
N TYR B 72 -7.10 20.13 11.83
CA TYR B 72 -6.38 18.90 11.49
C TYR B 72 -4.97 18.98 12.09
N GLU B 73 -4.65 18.05 12.99
CA GLU B 73 -3.34 18.04 13.64
C GLU B 73 -2.45 16.86 13.23
N VAL B 74 -1.16 17.11 13.08
CA VAL B 74 -0.24 16.05 12.70
C VAL B 74 0.44 15.41 13.92
N SER B 75 -0.28 14.53 14.61
CA SER B 75 0.25 13.85 15.78
C SER B 75 1.08 12.69 15.29
N ASP B 76 2.33 12.61 15.74
CA ASP B 76 3.21 11.53 15.34
C ASP B 76 2.48 10.19 15.48
N GLU B 77 1.53 10.12 16.41
CA GLU B 77 0.73 8.91 16.64
C GLU B 77 0.02 8.54 15.34
N LYS B 78 -0.93 9.38 14.93
CA LYS B 78 -1.68 9.15 13.71
C LYS B 78 -0.70 8.82 12.58
N VAL B 79 0.37 9.60 12.48
CA VAL B 79 1.37 9.37 11.45
C VAL B 79 1.98 7.98 11.66
N VAL B 80 2.16 7.56 12.91
CA VAL B 80 2.74 6.24 13.15
C VAL B 80 1.66 5.17 12.95
N LYS B 81 0.42 5.50 13.29
CA LYS B 81 -0.64 4.54 13.07
C LYS B 81 -0.52 4.21 11.59
N GLY B 82 -1.01 5.12 10.77
CA GLY B 82 -0.94 4.95 9.33
C GLY B 82 0.24 4.11 8.92
N LEU B 83 1.45 4.59 9.22
CA LEU B 83 2.66 3.87 8.85
C LEU B 83 2.68 2.40 9.22
N ILE B 84 2.16 2.08 10.39
CA ILE B 84 2.12 0.69 10.84
C ILE B 84 0.94 -0.02 10.22
N GLU B 85 -0.26 0.44 10.54
CA GLU B 85 -1.49 -0.15 10.01
C GLU B 85 -1.36 -0.52 8.53
N PHE B 86 -0.42 0.14 7.85
CA PHE B 86 -0.16 -0.12 6.44
C PHE B 86 0.95 -1.15 6.29
N PHE B 87 2.12 -0.83 6.83
CA PHE B 87 3.25 -1.73 6.75
C PHE B 87 3.09 -3.05 7.50
N THR B 88 1.98 -3.20 8.21
CA THR B 88 1.75 -4.44 8.94
C THR B 88 0.29 -4.86 8.84
#